data_5FFF
#
_entry.id   5FFF
#
_cell.length_a   73.386
_cell.length_b   73.386
_cell.length_c   167.892
_cell.angle_alpha   90.00
_cell.angle_beta   90.00
_cell.angle_gamma   120.00
#
_symmetry.space_group_name_H-M   'P 31 2 1'
#
loop_
_entity.id
_entity.type
_entity.pdbx_description
1 polymer 'Noroxomaritidine/Norcraugsodine Reductase'
2 non-polymer 'NADP NICOTINAMIDE-ADENINE-DINUCLEOTIDE PHOSPHATE'
3 non-polymer 1,3-benzodioxole-5-carbaldehyde
4 water water
#
_entity_poly.entity_id   1
_entity_poly.type   'polypeptide(L)'
_entity_poly.pdbx_seq_one_letter_code
;MSLEKRWSLEGTTALVTGGTKGIGHAIVEELVGFGARVYTCSRNEAELRKCLQEWENLKYDVTGSVCDVSSRTEREKLAE
EVSSVFNGKLNILINNAGGYVNKPIDGFTAEDFSFLVAVNLESAFHLCQLAHPMLKASGTGSIVHISSCCAQIAIPGHSI
YSSTKGAINQLTRNLACEWAKDNIRTNSIAPGAIRTPGTESFVIDKDALDREVSRVPFGRIGEPEEVASLAAFLCMPSAS
YITGQVICVDGGRTING
;
_entity_poly.pdbx_strand_id   A,B
#
# COMPACT_ATOMS: atom_id res chain seq x y z
N MET A 1 7.45 13.35 -13.47
CA MET A 1 7.57 12.10 -14.20
C MET A 1 6.21 11.67 -14.75
N SER A 2 6.20 11.16 -15.98
CA SER A 2 4.96 10.74 -16.62
C SER A 2 4.29 9.63 -15.82
N LEU A 3 2.97 9.52 -15.98
CA LEU A 3 2.25 8.41 -15.38
C LEU A 3 2.82 7.09 -15.87
N GLU A 4 3.15 7.01 -17.17
CA GLU A 4 3.65 5.77 -17.74
C GLU A 4 4.94 5.34 -17.04
N LYS A 5 5.89 6.27 -16.85
CA LYS A 5 7.13 5.93 -16.18
C LYS A 5 6.94 5.68 -14.69
N ARG A 6 6.01 6.39 -14.06
CA ARG A 6 5.80 6.17 -12.63
C ARG A 6 5.23 4.78 -12.35
N TRP A 7 4.55 4.17 -13.30
CA TRP A 7 3.95 2.85 -13.11
C TRP A 7 4.68 1.76 -13.89
N SER A 8 6.01 1.90 -14.02
CA SER A 8 6.79 0.95 -14.82
C SER A 8 8.05 0.56 -14.07
N LEU A 9 8.54 -0.63 -14.38
CA LEU A 9 9.84 -1.10 -13.91
C LEU A 9 10.79 -1.33 -15.10
N GLU A 10 10.54 -0.69 -16.23
CA GLU A 10 11.34 -0.90 -17.42
C GLU A 10 12.78 -0.50 -17.16
N GLY A 11 13.71 -1.42 -17.42
CA GLY A 11 15.11 -1.15 -17.25
C GLY A 11 15.66 -1.57 -15.90
N THR A 12 14.81 -1.89 -14.93
CA THR A 12 15.30 -2.17 -13.59
C THR A 12 15.83 -3.61 -13.48
N THR A 13 16.58 -3.84 -12.40
CA THR A 13 17.08 -5.16 -12.05
C THR A 13 16.56 -5.55 -10.67
N ALA A 14 16.31 -6.85 -10.48
CA ALA A 14 15.66 -7.30 -9.25
C ALA A 14 16.19 -8.66 -8.83
N LEU A 15 16.27 -8.85 -7.52
CA LEU A 15 16.58 -10.15 -6.91
C LEU A 15 15.37 -10.53 -6.06
N VAL A 16 14.80 -11.70 -6.34
CA VAL A 16 13.69 -12.26 -5.57
C VAL A 16 14.15 -13.59 -5.01
N THR A 17 14.20 -13.73 -3.68
CA THR A 17 14.60 -15.01 -3.12
C THR A 17 13.40 -15.95 -3.04
N GLY A 18 13.64 -17.23 -3.33
CA GLY A 18 12.58 -18.22 -3.26
C GLY A 18 11.53 -18.03 -4.32
N GLY A 19 11.95 -18.01 -5.58
CA GLY A 19 11.07 -17.66 -6.68
C GLY A 19 10.50 -18.81 -7.48
N THR A 20 10.66 -20.05 -7.03
CA THR A 20 10.19 -21.18 -7.83
C THR A 20 8.76 -21.61 -7.52
N LYS A 21 8.17 -21.11 -6.45
CA LYS A 21 6.84 -21.53 -6.00
C LYS A 21 6.16 -20.35 -5.32
N GLY A 22 4.83 -20.43 -5.22
CA GLY A 22 4.10 -19.60 -4.27
C GLY A 22 4.23 -18.12 -4.55
N ILE A 23 4.31 -17.34 -3.47
CA ILE A 23 4.35 -15.88 -3.59
C ILE A 23 5.57 -15.43 -4.39
N GLY A 24 6.72 -16.05 -4.15
CA GLY A 24 7.92 -15.63 -4.86
C GLY A 24 7.82 -15.82 -6.36
N HIS A 25 7.23 -16.93 -6.79
CA HIS A 25 7.03 -17.16 -8.22
C HIS A 25 6.12 -16.09 -8.81
N ALA A 26 5.04 -15.75 -8.11
CA ALA A 26 4.15 -14.69 -8.58
C ALA A 26 4.86 -13.33 -8.60
N ILE A 27 5.76 -13.07 -7.65
CA ILE A 27 6.48 -11.81 -7.67
C ILE A 27 7.42 -11.74 -8.87
N VAL A 28 8.15 -12.82 -9.16
CA VAL A 28 9.02 -12.83 -10.33
C VAL A 28 8.22 -12.45 -11.56
N GLU A 29 7.06 -13.07 -11.74
CA GLU A 29 6.31 -12.83 -12.96
C GLU A 29 5.73 -11.43 -12.98
N GLU A 30 5.29 -10.91 -11.82
CA GLU A 30 4.77 -9.55 -11.79
C GLU A 30 5.84 -8.53 -12.15
N LEU A 31 7.05 -8.68 -11.58
CA LEU A 31 8.13 -7.74 -11.90
C LEU A 31 8.50 -7.80 -13.37
N VAL A 32 8.64 -9.02 -13.93
CA VAL A 32 8.93 -9.17 -15.35
C VAL A 32 7.85 -8.51 -16.20
N GLY A 33 6.59 -8.58 -15.73
CA GLY A 33 5.48 -8.02 -16.48
C GLY A 33 5.57 -6.51 -16.62
N PHE A 34 6.27 -5.85 -15.70
CA PHE A 34 6.50 -4.40 -15.77
C PHE A 34 7.90 -4.06 -16.27
N GLY A 35 8.61 -5.02 -16.86
CA GLY A 35 9.84 -4.73 -17.57
C GLY A 35 11.12 -5.00 -16.80
N ALA A 36 11.05 -5.55 -15.60
CA ALA A 36 12.25 -5.80 -14.82
C ALA A 36 13.02 -6.99 -15.37
N ARG A 37 14.35 -6.95 -15.18
CA ARG A 37 15.22 -8.09 -15.33
C ARG A 37 15.37 -8.72 -13.95
N VAL A 38 15.08 -10.01 -13.82
CA VAL A 38 14.92 -10.63 -12.51
C VAL A 38 15.94 -11.76 -12.33
N TYR A 39 16.51 -11.82 -11.13
CA TYR A 39 17.36 -12.91 -10.67
C TYR A 39 16.61 -13.61 -9.53
N THR A 40 16.58 -14.94 -9.52
CA THR A 40 15.90 -15.61 -8.42
C THR A 40 16.71 -16.83 -7.98
N CYS A 41 16.25 -17.50 -6.94
CA CYS A 41 16.94 -18.66 -6.42
C CYS A 41 15.95 -19.56 -5.70
N SER A 42 16.38 -20.79 -5.44
CA SER A 42 15.72 -21.71 -4.54
C SER A 42 16.78 -22.75 -4.14
N ARG A 43 16.37 -23.70 -3.31
CA ARG A 43 17.31 -24.73 -2.89
C ARG A 43 17.36 -25.93 -3.84
N ASN A 44 16.48 -26.00 -4.83
CA ASN A 44 16.28 -27.21 -5.63
C ASN A 44 16.69 -26.93 -7.07
N GLU A 45 17.82 -27.52 -7.50
CA GLU A 45 18.35 -27.20 -8.82
C GLU A 45 17.41 -27.61 -9.95
N ALA A 46 16.82 -28.80 -9.85
CA ALA A 46 15.96 -29.28 -10.93
C ALA A 46 14.72 -28.40 -11.10
N GLU A 47 14.10 -28.02 -9.98
CA GLU A 47 12.91 -27.17 -10.06
C GLU A 47 13.26 -25.77 -10.54
N LEU A 48 14.37 -25.21 -10.05
CA LEU A 48 14.80 -23.90 -10.54
C LEU A 48 15.08 -23.93 -12.04
N ARG A 49 15.79 -24.95 -12.52
CA ARG A 49 16.08 -24.99 -13.95
C ARG A 49 14.81 -25.07 -14.76
N LYS A 50 13.85 -25.88 -14.33
CA LYS A 50 12.59 -25.96 -15.07
C LYS A 50 11.88 -24.61 -15.10
N CYS A 51 11.84 -23.91 -13.96
CA CYS A 51 11.26 -22.57 -13.93
C CYS A 51 11.95 -21.65 -14.91
N LEU A 52 13.29 -21.66 -14.91
CA LEU A 52 14.02 -20.77 -15.80
C LEU A 52 13.77 -21.11 -17.27
N GLN A 53 13.62 -22.40 -17.58
CA GLN A 53 13.29 -22.79 -18.96
C GLN A 53 11.90 -22.35 -19.35
N GLU A 54 10.94 -22.57 -18.46
CA GLU A 54 9.58 -22.10 -18.74
C GLU A 54 9.59 -20.61 -19.00
N TRP A 55 10.31 -19.85 -18.18
CA TRP A 55 10.35 -18.41 -18.35
C TRP A 55 11.06 -18.02 -19.64
N GLU A 56 12.15 -18.72 -19.99
CA GLU A 56 12.80 -18.41 -21.26
C GLU A 56 11.88 -18.74 -22.44
N ASN A 57 11.14 -19.85 -22.35
CA ASN A 57 10.16 -20.16 -23.40
C ASN A 57 9.18 -19.00 -23.58
N LEU A 58 8.76 -18.38 -22.47
CA LEU A 58 7.85 -17.24 -22.51
C LEU A 58 8.56 -15.93 -22.81
N LYS A 59 9.86 -15.94 -23.05
CA LYS A 59 10.68 -14.75 -23.24
C LYS A 59 10.65 -13.82 -22.02
N TYR A 60 10.57 -14.41 -20.82
CA TYR A 60 10.72 -13.65 -19.59
C TYR A 60 12.20 -13.60 -19.23
N ASP A 61 12.70 -12.38 -18.97
CA ASP A 61 14.12 -12.21 -18.64
C ASP A 61 14.36 -12.54 -17.18
N VAL A 62 14.56 -13.83 -16.91
CA VAL A 62 14.82 -14.32 -15.57
C VAL A 62 16.04 -15.23 -15.60
N THR A 63 16.95 -15.03 -14.65
N THR A 63 16.94 -15.03 -14.64
CA THR A 63 18.06 -15.94 -14.46
CA THR A 63 18.14 -15.82 -14.43
C THR A 63 18.09 -16.33 -12.99
C THR A 63 18.16 -16.25 -12.97
N GLY A 64 18.99 -17.23 -12.63
CA GLY A 64 19.01 -17.67 -11.25
C GLY A 64 20.08 -18.69 -10.97
N SER A 65 20.22 -18.99 -9.68
CA SER A 65 21.16 -20.00 -9.21
C SER A 65 20.59 -20.61 -7.94
N VAL A 66 21.09 -21.80 -7.61
CA VAL A 66 20.68 -22.47 -6.37
C VAL A 66 21.30 -21.75 -5.19
N CYS A 67 20.48 -21.43 -4.19
CA CYS A 67 20.98 -20.78 -2.99
C CYS A 67 20.06 -21.11 -1.83
N ASP A 68 20.63 -21.62 -0.73
CA ASP A 68 19.93 -21.72 0.54
C ASP A 68 20.22 -20.45 1.33
N VAL A 69 19.25 -19.54 1.39
CA VAL A 69 19.50 -18.23 2.03
C VAL A 69 19.70 -18.33 3.53
N SER A 70 19.52 -19.50 4.14
CA SER A 70 19.81 -19.63 5.56
C SER A 70 21.29 -19.84 5.83
N SER A 71 22.10 -19.99 4.78
CA SER A 71 23.54 -20.21 4.93
C SER A 71 24.28 -18.91 4.63
N ARG A 72 25.14 -18.50 5.57
CA ARG A 72 25.90 -17.26 5.40
C ARG A 72 26.76 -17.31 4.15
N THR A 73 27.49 -18.41 3.92
CA THR A 73 28.37 -18.48 2.76
C THR A 73 27.57 -18.53 1.46
N GLU A 74 26.41 -19.17 1.46
CA GLU A 74 25.62 -19.18 0.23
C GLU A 74 25.04 -17.81 -0.07
N ARG A 75 24.66 -17.05 0.97
CA ARG A 75 24.22 -15.68 0.74
C ARG A 75 25.33 -14.84 0.13
N GLU A 76 26.55 -14.97 0.65
CA GLU A 76 27.69 -14.24 0.11
C GLU A 76 27.89 -14.60 -1.35
N LYS A 77 27.78 -15.88 -1.69
CA LYS A 77 28.02 -16.27 -3.06
C LYS A 77 26.91 -15.77 -3.97
N LEU A 78 25.66 -15.76 -3.48
CA LEU A 78 24.54 -15.25 -4.26
C LEU A 78 24.74 -13.76 -4.56
N ALA A 79 25.08 -12.98 -3.54
CA ALA A 79 25.22 -11.55 -3.76
C ALA A 79 26.35 -11.25 -4.74
N GLU A 80 27.43 -12.03 -4.69
CA GLU A 80 28.52 -11.83 -5.63
C GLU A 80 28.08 -12.16 -7.05
N GLU A 81 27.28 -13.22 -7.21
CA GLU A 81 26.84 -13.60 -8.54
C GLU A 81 25.81 -12.63 -9.08
N VAL A 82 24.89 -12.16 -8.23
CA VAL A 82 23.91 -11.16 -8.65
C VAL A 82 24.60 -9.89 -9.08
N SER A 83 25.59 -9.43 -8.29
CA SER A 83 26.33 -8.22 -8.67
C SER A 83 27.04 -8.42 -10.01
N SER A 84 27.64 -9.59 -10.22
CA SER A 84 28.31 -9.85 -11.49
CA SER A 84 28.31 -9.85 -11.49
C SER A 84 27.34 -9.83 -12.65
N VAL A 85 26.17 -10.47 -12.49
CA VAL A 85 25.21 -10.58 -13.59
C VAL A 85 24.61 -9.23 -13.92
N PHE A 86 24.34 -8.40 -12.92
CA PHE A 86 23.74 -7.10 -13.11
C PHE A 86 24.76 -5.97 -13.14
N ASN A 87 26.04 -6.30 -13.25
CA ASN A 87 27.09 -5.29 -13.38
C ASN A 87 27.04 -4.29 -12.22
N GLY A 88 26.79 -4.79 -11.02
CA GLY A 88 26.91 -4.00 -9.81
C GLY A 88 25.75 -3.07 -9.49
N LYS A 89 24.63 -3.20 -10.19
CA LYS A 89 23.49 -2.32 -9.98
C LYS A 89 22.22 -3.14 -9.78
N LEU A 90 21.59 -2.98 -8.62
CA LEU A 90 20.38 -3.70 -8.25
C LEU A 90 19.32 -2.70 -7.83
N ASN A 91 18.21 -2.64 -8.56
CA ASN A 91 17.15 -1.73 -8.13
C ASN A 91 16.30 -2.31 -7.01
N ILE A 92 16.10 -3.63 -7.00
CA ILE A 92 15.03 -4.24 -6.23
C ILE A 92 15.56 -5.47 -5.50
N LEU A 93 15.28 -5.56 -4.19
CA LEU A 93 15.54 -6.76 -3.41
C LEU A 93 14.24 -7.19 -2.75
N ILE A 94 13.74 -8.38 -3.10
CA ILE A 94 12.53 -8.94 -2.48
CA ILE A 94 12.54 -8.93 -2.47
C ILE A 94 12.98 -10.10 -1.60
N ASN A 95 12.91 -9.93 -0.28
CA ASN A 95 13.24 -11.00 0.66
C ASN A 95 11.99 -11.82 0.93
N ASN A 96 11.75 -12.80 0.06
CA ASN A 96 10.56 -13.61 0.12
C ASN A 96 10.79 -14.98 0.75
N ALA A 97 11.96 -15.59 0.55
CA ALA A 97 12.20 -16.89 1.15
C ALA A 97 12.09 -16.80 2.66
N GLY A 98 11.43 -17.78 3.25
CA GLY A 98 11.27 -17.84 4.68
C GLY A 98 11.05 -19.26 5.15
N GLY A 99 10.56 -19.43 6.37
CA GLY A 99 10.28 -20.75 6.89
C GLY A 99 9.21 -20.68 7.95
N TYR A 100 8.63 -21.83 8.26
CA TYR A 100 7.45 -21.87 9.11
C TYR A 100 7.45 -23.15 9.95
N VAL A 101 7.17 -23.00 11.23
CA VAL A 101 6.95 -24.11 12.16
C VAL A 101 5.73 -23.74 12.98
N ASN A 102 4.80 -24.69 13.15
CA ASN A 102 3.61 -24.46 13.94
C ASN A 102 3.63 -25.43 15.12
N LYS A 103 3.86 -24.91 16.31
CA LYS A 103 3.87 -25.72 17.53
C LYS A 103 3.40 -24.86 18.69
N PRO A 104 2.82 -25.46 19.74
CA PRO A 104 2.62 -24.69 20.98
C PRO A 104 3.95 -24.21 21.51
N ILE A 105 3.92 -23.09 22.24
CA ILE A 105 5.14 -22.54 22.82
C ILE A 105 5.93 -23.62 23.56
N ASP A 106 5.23 -24.45 24.33
CA ASP A 106 5.89 -25.51 25.10
C ASP A 106 6.69 -26.48 24.21
N GLY A 107 6.33 -26.60 22.94
CA GLY A 107 6.92 -27.64 22.11
C GLY A 107 8.13 -27.26 21.29
N PHE A 108 8.46 -25.96 21.20
CA PHE A 108 9.54 -25.54 20.32
C PHE A 108 10.89 -25.99 20.87
N THR A 109 11.70 -26.56 19.99
CA THR A 109 13.06 -26.96 20.31
C THR A 109 14.04 -25.83 20.03
N ALA A 110 15.25 -25.97 20.55
CA ALA A 110 16.30 -25.02 20.19
C ALA A 110 16.51 -24.98 18.68
N GLU A 111 16.38 -26.14 18.02
CA GLU A 111 16.58 -26.20 16.58
C GLU A 111 15.45 -25.50 15.82
N ASP A 112 14.20 -25.62 16.29
CA ASP A 112 13.11 -24.85 15.69
C ASP A 112 13.41 -23.37 15.77
N PHE A 113 13.84 -22.90 16.94
CA PHE A 113 14.14 -21.49 17.12
C PHE A 113 15.24 -21.04 16.16
N SER A 114 16.35 -21.77 16.12
CA SER A 114 17.47 -21.38 15.26
CA SER A 114 17.46 -21.35 15.26
C SER A 114 17.08 -21.41 13.79
N PHE A 115 16.29 -22.42 13.39
CA PHE A 115 15.84 -22.51 12.00
C PHE A 115 15.05 -21.26 11.60
N LEU A 116 14.08 -20.87 12.43
CA LEU A 116 13.21 -19.76 12.07
C LEU A 116 13.96 -18.42 12.10
N VAL A 117 14.86 -18.23 13.06
CA VAL A 117 15.61 -16.98 13.10
C VAL A 117 16.51 -16.86 11.88
N ALA A 118 17.18 -17.95 11.50
CA ALA A 118 18.12 -17.90 10.38
C ALA A 118 17.41 -17.61 9.07
N VAL A 119 16.29 -18.29 8.80
CA VAL A 119 15.69 -18.18 7.48
C VAL A 119 14.78 -16.95 7.37
N ASN A 120 14.14 -16.52 8.46
CA ASN A 120 13.22 -15.40 8.37
C ASN A 120 13.86 -14.06 8.70
N LEU A 121 14.84 -14.02 9.60
CA LEU A 121 15.39 -12.75 10.04
C LEU A 121 16.84 -12.56 9.59
N GLU A 122 17.75 -13.48 9.94
CA GLU A 122 19.14 -13.25 9.60
C GLU A 122 19.36 -13.25 8.09
N SER A 123 18.62 -14.10 7.36
CA SER A 123 18.78 -14.15 5.91
C SER A 123 18.50 -12.79 5.30
N ALA A 124 17.38 -12.16 5.68
CA ALA A 124 17.01 -10.86 5.12
C ALA A 124 17.99 -9.77 5.56
N PHE A 125 18.37 -9.81 6.84
CA PHE A 125 19.31 -8.80 7.35
C PHE A 125 20.62 -8.86 6.60
N HIS A 126 21.22 -10.05 6.51
CA HIS A 126 22.51 -10.17 5.85
C HIS A 126 22.41 -9.88 4.36
N LEU A 127 21.35 -10.34 3.70
CA LEU A 127 21.21 -10.04 2.28
C LEU A 127 21.07 -8.53 2.04
N CYS A 128 20.38 -7.84 2.94
CA CYS A 128 20.32 -6.38 2.84
C CYS A 128 21.72 -5.78 2.94
N GLN A 129 22.51 -6.21 3.93
CA GLN A 129 23.89 -5.73 4.03
C GLN A 129 24.65 -5.99 2.75
N LEU A 130 24.57 -7.23 2.25
CA LEU A 130 25.35 -7.60 1.06
C LEU A 130 24.91 -6.82 -0.16
N ALA A 131 23.61 -6.54 -0.27
CA ALA A 131 23.06 -5.86 -1.43
C ALA A 131 23.15 -4.34 -1.35
N HIS A 132 23.51 -3.78 -0.19
CA HIS A 132 23.51 -2.32 -0.05
C HIS A 132 24.36 -1.64 -1.11
N PRO A 133 25.60 -2.07 -1.41
CA PRO A 133 26.36 -1.36 -2.44
C PRO A 133 25.66 -1.35 -3.79
N MET A 134 25.09 -2.48 -4.23
CA MET A 134 24.46 -2.45 -5.56
C MET A 134 23.11 -1.76 -5.55
N LEU A 135 22.38 -1.81 -4.43
CA LEU A 135 21.17 -0.99 -4.31
C LEU A 135 21.51 0.50 -4.39
N LYS A 136 22.56 0.91 -3.69
CA LYS A 136 22.98 2.31 -3.76
C LYS A 136 23.45 2.67 -5.16
N ALA A 137 24.20 1.78 -5.81
CA ALA A 137 24.75 2.07 -7.14
C ALA A 137 23.65 2.21 -8.18
N SER A 138 22.50 1.55 -7.98
CA SER A 138 21.40 1.67 -8.94
C SER A 138 20.83 3.07 -8.98
N GLY A 139 21.06 3.86 -7.94
CA GLY A 139 20.48 5.18 -7.83
C GLY A 139 19.05 5.23 -7.37
N THR A 140 18.31 4.14 -7.51
CA THR A 140 16.94 4.05 -7.00
C THR A 140 16.68 2.63 -6.52
N GLY A 141 16.64 2.45 -5.21
CA GLY A 141 16.55 1.11 -4.62
C GLY A 141 15.25 0.90 -3.87
N SER A 142 14.76 -0.33 -3.91
CA SER A 142 13.55 -0.71 -3.19
C SER A 142 13.76 -2.09 -2.59
N ILE A 143 13.65 -2.19 -1.27
CA ILE A 143 13.67 -3.47 -0.57
C ILE A 143 12.24 -3.76 -0.11
N VAL A 144 11.75 -4.97 -0.39
CA VAL A 144 10.46 -5.42 0.13
C VAL A 144 10.70 -6.71 0.88
N HIS A 145 10.33 -6.74 2.16
CA HIS A 145 10.32 -7.97 2.94
C HIS A 145 8.92 -8.55 2.89
N ILE A 146 8.83 -9.87 2.78
CA ILE A 146 7.54 -10.54 2.94
C ILE A 146 7.47 -10.99 4.39
N SER A 147 6.65 -10.29 5.17
N SER A 147 6.66 -10.31 5.17
CA SER A 147 6.47 -10.57 6.58
CA SER A 147 6.52 -10.60 6.60
C SER A 147 5.26 -11.48 6.78
C SER A 147 5.28 -11.48 6.80
N SER A 148 4.41 -11.19 7.77
CA SER A 148 3.17 -11.93 7.95
C SER A 148 2.22 -11.08 8.77
N CYS A 149 0.92 -11.15 8.46
CA CYS A 149 -0.03 -10.37 9.24
C CYS A 149 -0.11 -10.87 10.67
N CYS A 150 0.34 -12.10 10.94
CA CYS A 150 0.28 -12.62 12.30
C CYS A 150 1.37 -12.06 13.19
N ALA A 151 2.22 -11.16 12.69
CA ALA A 151 3.13 -10.41 13.55
C ALA A 151 2.45 -9.25 14.25
N GLN A 152 1.12 -9.16 14.19
CA GLN A 152 0.33 -8.18 14.94
C GLN A 152 -0.71 -8.81 15.84
N ILE A 153 -0.92 -10.11 15.75
CA ILE A 153 -1.94 -10.82 16.51
C ILE A 153 -1.35 -12.15 16.95
N ALA A 154 -2.09 -12.90 17.75
CA ALA A 154 -1.60 -14.18 18.28
C ALA A 154 -2.39 -15.33 17.68
N ILE A 155 -1.81 -16.02 16.72
CA ILE A 155 -2.41 -17.21 16.12
CA ILE A 155 -2.40 -17.21 16.11
C ILE A 155 -1.82 -18.43 16.82
N PRO A 156 -2.64 -19.36 17.29
CA PRO A 156 -2.10 -20.57 17.95
C PRO A 156 -1.02 -21.23 17.11
N GLY A 157 0.09 -21.58 17.76
CA GLY A 157 1.18 -22.26 17.10
C GLY A 157 2.20 -21.35 16.43
N HIS A 158 1.92 -20.05 16.29
CA HIS A 158 2.75 -19.18 15.47
C HIS A 158 3.81 -18.41 16.26
N SER A 159 4.06 -18.74 17.53
CA SER A 159 4.84 -17.86 18.40
C SER A 159 6.21 -17.48 17.79
N ILE A 160 7.05 -18.47 17.49
CA ILE A 160 8.39 -18.09 17.01
C ILE A 160 8.32 -17.55 15.59
N TYR A 161 7.46 -18.14 14.74
CA TYR A 161 7.28 -17.64 13.38
C TYR A 161 6.90 -16.15 13.40
N SER A 162 5.83 -15.83 14.13
CA SER A 162 5.36 -14.44 14.19
C SER A 162 6.39 -13.52 14.82
N SER A 163 7.12 -14.01 15.82
CA SER A 163 8.14 -13.17 16.44
C SER A 163 9.26 -12.83 15.45
N THR A 164 9.68 -13.79 14.63
CA THR A 164 10.71 -13.46 13.64
C THR A 164 10.19 -12.48 12.60
N LYS A 165 8.90 -12.62 12.22
CA LYS A 165 8.32 -11.66 11.29
C LYS A 165 8.11 -10.29 11.94
N GLY A 166 7.84 -10.26 13.24
CA GLY A 166 7.78 -8.98 13.94
C GLY A 166 9.13 -8.30 13.98
N ALA A 167 10.20 -9.09 14.10
CA ALA A 167 11.55 -8.53 13.99
C ALA A 167 11.77 -7.93 12.61
N ILE A 168 11.29 -8.60 11.57
CA ILE A 168 11.40 -8.07 10.21
C ILE A 168 10.65 -6.76 10.06
N ASN A 169 9.47 -6.65 10.68
CA ASN A 169 8.72 -5.40 10.61
C ASN A 169 9.51 -4.25 11.21
N GLN A 170 10.21 -4.49 12.33
CA GLN A 170 10.99 -3.42 12.93
C GLN A 170 12.22 -3.11 12.07
N LEU A 171 12.90 -4.16 11.57
CA LEU A 171 14.06 -3.94 10.71
C LEU A 171 13.69 -3.08 9.51
N THR A 172 12.49 -3.28 8.97
CA THR A 172 11.96 -2.44 7.89
C THR A 172 12.06 -0.96 8.23
N ARG A 173 11.68 -0.61 9.47
CA ARG A 173 11.75 0.79 9.90
C ARG A 173 13.19 1.28 9.96
N ASN A 174 14.10 0.48 10.52
CA ASN A 174 15.49 0.92 10.62
C ASN A 174 16.12 1.07 9.24
N LEU A 175 15.89 0.12 8.34
CA LEU A 175 16.44 0.21 6.98
C LEU A 175 15.90 1.44 6.28
N ALA A 176 14.60 1.70 6.42
CA ALA A 176 13.97 2.82 5.74
C ALA A 176 14.60 4.14 6.15
N CYS A 177 14.93 4.28 7.44
CA CYS A 177 15.47 5.54 7.90
C CYS A 177 16.98 5.63 7.65
N GLU A 178 17.72 4.55 7.89
CA GLU A 178 19.18 4.63 7.76
C GLU A 178 19.62 4.78 6.30
N TRP A 179 18.89 4.19 5.35
CA TRP A 179 19.34 4.19 3.96
C TRP A 179 18.52 5.11 3.07
N ALA A 180 17.63 5.94 3.64
CA ALA A 180 16.91 6.93 2.84
C ALA A 180 17.89 7.81 2.06
N LYS A 181 19.00 8.20 2.68
CA LYS A 181 19.93 9.12 2.04
C LYS A 181 20.61 8.50 0.82
N ASP A 182 20.57 7.17 0.69
CA ASP A 182 21.07 6.48 -0.48
C ASP A 182 19.97 6.26 -1.52
N ASN A 183 18.82 6.89 -1.34
CA ASN A 183 17.66 6.74 -2.21
C ASN A 183 17.16 5.29 -2.25
N ILE A 184 17.23 4.61 -1.12
CA ILE A 184 16.70 3.26 -0.98
C ILE A 184 15.49 3.33 -0.06
N ARG A 185 14.37 2.76 -0.50
CA ARG A 185 13.17 2.61 0.31
C ARG A 185 13.03 1.17 0.75
N THR A 186 12.44 0.96 1.94
CA THR A 186 12.24 -0.40 2.47
C THR A 186 10.84 -0.49 3.03
N ASN A 187 10.10 -1.52 2.63
CA ASN A 187 8.76 -1.74 3.14
C ASN A 187 8.55 -3.22 3.35
N SER A 188 7.53 -3.56 4.13
CA SER A 188 7.15 -4.94 4.39
CA SER A 188 7.15 -4.95 4.36
C SER A 188 5.71 -5.17 3.95
N ILE A 189 5.47 -6.31 3.30
CA ILE A 189 4.12 -6.77 3.00
C ILE A 189 3.83 -7.91 3.94
N ALA A 190 2.72 -7.83 4.65
CA ALA A 190 2.35 -8.81 5.68
C ALA A 190 1.12 -9.59 5.23
N PRO A 191 1.28 -10.72 4.55
CA PRO A 191 0.11 -11.46 4.06
C PRO A 191 -0.61 -12.18 5.18
N GLY A 192 -1.92 -12.34 5.00
CA GLY A 192 -2.65 -13.39 5.68
C GLY A 192 -2.35 -14.72 5.01
N ALA A 193 -3.17 -15.72 5.32
CA ALA A 193 -3.03 -17.01 4.64
C ALA A 193 -3.22 -16.86 3.14
N ILE A 194 -2.25 -17.38 2.38
CA ILE A 194 -2.22 -17.32 0.92
C ILE A 194 -2.10 -18.74 0.39
N ARG A 195 -2.79 -19.02 -0.72
CA ARG A 195 -2.74 -20.33 -1.38
CA ARG A 195 -2.74 -20.34 -1.36
C ARG A 195 -1.40 -20.52 -2.07
N THR A 196 -0.52 -21.35 -1.50
CA THR A 196 0.82 -21.63 -2.02
C THR A 196 1.13 -23.09 -1.71
N PRO A 197 2.19 -23.64 -2.32
CA PRO A 197 2.64 -24.97 -1.89
C PRO A 197 2.95 -25.03 -0.40
N GLY A 198 3.48 -23.94 0.17
CA GLY A 198 3.71 -23.89 1.60
C GLY A 198 2.46 -24.06 2.44
N THR A 199 1.27 -23.72 1.91
CA THR A 199 0.06 -23.91 2.71
C THR A 199 -0.80 -25.08 2.23
N GLU A 200 -0.27 -25.96 1.37
CA GLU A 200 -1.08 -27.06 0.86
C GLU A 200 -1.54 -28.00 1.97
N SER A 201 -0.68 -28.28 2.96
CA SER A 201 -1.15 -29.19 4.00
C SER A 201 -2.18 -28.51 4.89
N PHE A 202 -2.06 -27.20 5.05
CA PHE A 202 -3.05 -26.41 5.78
C PHE A 202 -4.41 -26.47 5.08
N VAL A 203 -4.42 -26.33 3.75
CA VAL A 203 -5.69 -26.40 3.02
C VAL A 203 -6.30 -27.79 3.09
N ILE A 204 -5.47 -28.84 3.19
CA ILE A 204 -6.01 -30.19 3.34
C ILE A 204 -6.66 -30.37 4.71
N ASP A 205 -6.16 -29.66 5.73
CA ASP A 205 -6.67 -29.74 7.10
C ASP A 205 -7.90 -28.83 7.20
N LYS A 206 -9.07 -29.40 6.89
CA LYS A 206 -10.26 -28.56 6.75
C LYS A 206 -10.66 -27.90 8.07
N ASP A 207 -10.42 -28.56 9.19
CA ASP A 207 -10.72 -27.93 10.47
C ASP A 207 -9.89 -26.68 10.66
N ALA A 208 -8.59 -26.75 10.37
CA ALA A 208 -7.72 -25.59 10.52
C ALA A 208 -8.06 -24.52 9.47
N LEU A 209 -8.28 -24.94 8.23
CA LEU A 209 -8.65 -24.00 7.17
C LEU A 209 -9.93 -23.24 7.52
N ASP A 210 -10.97 -23.98 7.91
CA ASP A 210 -12.25 -23.35 8.18
C ASP A 210 -12.16 -22.38 9.36
N ARG A 211 -11.39 -22.75 10.39
CA ARG A 211 -11.23 -21.84 11.52
C ARG A 211 -10.56 -20.55 11.09
N GLU A 212 -9.51 -20.62 10.27
CA GLU A 212 -8.83 -19.42 9.85
C GLU A 212 -9.74 -18.58 8.95
N VAL A 213 -10.41 -19.22 7.99
CA VAL A 213 -11.26 -18.47 7.06
C VAL A 213 -12.41 -17.81 7.80
N SER A 214 -12.88 -18.40 8.90
CA SER A 214 -13.96 -17.79 9.67
CA SER A 214 -13.96 -17.79 9.67
C SER A 214 -13.56 -16.46 10.29
N ARG A 215 -12.25 -16.19 10.38
CA ARG A 215 -11.76 -14.93 10.93
C ARG A 215 -11.47 -13.89 9.85
N VAL A 216 -11.56 -14.26 8.58
CA VAL A 216 -11.25 -13.35 7.48
C VAL A 216 -12.57 -12.74 6.98
N PRO A 217 -12.75 -11.42 7.07
CA PRO A 217 -13.99 -10.82 6.54
C PRO A 217 -14.29 -11.24 5.11
N PHE A 218 -13.24 -11.39 4.28
CA PHE A 218 -13.45 -11.79 2.90
C PHE A 218 -13.82 -13.25 2.73
N GLY A 219 -13.74 -14.07 3.78
CA GLY A 219 -14.25 -15.43 3.71
C GLY A 219 -13.47 -16.37 2.82
N ARG A 220 -12.20 -16.08 2.58
CA ARG A 220 -11.35 -16.93 1.77
C ARG A 220 -9.90 -16.59 2.07
N ILE A 221 -9.00 -17.52 1.75
CA ILE A 221 -7.58 -17.22 1.79
C ILE A 221 -7.21 -16.43 0.55
N GLY A 222 -6.04 -15.81 0.56
CA GLY A 222 -5.62 -14.98 -0.55
C GLY A 222 -4.95 -15.81 -1.64
N GLU A 223 -4.71 -15.14 -2.78
CA GLU A 223 -4.01 -15.71 -3.91
C GLU A 223 -2.63 -15.04 -4.06
N PRO A 224 -1.62 -15.77 -4.59
CA PRO A 224 -0.27 -15.19 -4.63
C PRO A 224 -0.19 -13.86 -5.35
N GLU A 225 -0.95 -13.68 -6.44
CA GLU A 225 -0.89 -12.42 -7.16
C GLU A 225 -1.46 -11.26 -6.35
N GLU A 226 -2.23 -11.53 -5.30
CA GLU A 226 -2.74 -10.45 -4.45
C GLU A 226 -1.66 -9.89 -3.55
N VAL A 227 -0.58 -10.65 -3.32
CA VAL A 227 0.63 -10.15 -2.67
C VAL A 227 1.57 -9.54 -3.69
N ALA A 228 1.76 -10.22 -4.84
CA ALA A 228 2.78 -9.81 -5.80
C ALA A 228 2.48 -8.45 -6.41
N SER A 229 1.20 -8.13 -6.61
CA SER A 229 0.87 -6.83 -7.19
CA SER A 229 0.88 -6.83 -7.20
C SER A 229 1.40 -5.70 -6.32
N LEU A 230 1.15 -5.79 -5.01
CA LEU A 230 1.65 -4.75 -4.11
C LEU A 230 3.17 -4.73 -4.08
N ALA A 231 3.82 -5.90 -4.17
CA ALA A 231 5.28 -5.91 -4.21
C ALA A 231 5.80 -5.15 -5.42
N ALA A 232 5.16 -5.33 -6.58
CA ALA A 232 5.56 -4.56 -7.75
C ALA A 232 5.28 -3.08 -7.56
N PHE A 233 4.10 -2.73 -7.04
CA PHE A 233 3.79 -1.32 -6.84
C PHE A 233 4.81 -0.64 -5.95
N LEU A 234 5.20 -1.29 -4.85
CA LEU A 234 6.12 -0.68 -3.90
C LEU A 234 7.50 -0.43 -4.52
N CYS A 235 7.82 -1.08 -5.63
CA CYS A 235 9.09 -0.89 -6.34
C CYS A 235 9.03 0.18 -7.42
N MET A 236 7.83 0.63 -7.78
CA MET A 236 7.68 1.60 -8.85
C MET A 236 7.95 3.01 -8.34
N PRO A 237 8.32 3.93 -9.24
CA PRO A 237 8.45 5.33 -8.83
C PRO A 237 7.18 5.90 -8.23
N SER A 238 6.02 5.31 -8.56
CA SER A 238 4.76 5.72 -7.95
CA SER A 238 4.76 5.72 -7.95
C SER A 238 4.80 5.65 -6.43
N ALA A 239 5.61 4.76 -5.88
CA ALA A 239 5.71 4.56 -4.45
C ALA A 239 6.84 5.36 -3.81
N SER A 240 7.29 6.43 -4.47
CA SER A 240 8.50 7.13 -4.07
C SER A 240 8.41 7.77 -2.68
N TYR A 241 7.22 8.01 -2.13
CA TYR A 241 7.13 8.57 -0.78
C TYR A 241 6.63 7.54 0.24
N ILE A 242 6.68 6.24 -0.10
CA ILE A 242 6.25 5.18 0.80
C ILE A 242 7.50 4.45 1.26
N THR A 243 7.82 4.58 2.55
CA THR A 243 8.97 3.86 3.08
C THR A 243 8.75 3.63 4.56
N GLY A 244 9.24 2.49 5.04
CA GLY A 244 9.13 2.11 6.44
C GLY A 244 7.79 1.56 6.86
N GLN A 245 6.94 1.18 5.91
CA GLN A 245 5.58 0.75 6.18
CA GLN A 245 5.59 0.76 6.22
C GLN A 245 5.48 -0.76 6.23
N VAL A 246 4.52 -1.25 7.01
CA VAL A 246 4.13 -2.66 7.05
C VAL A 246 2.67 -2.70 6.60
N ILE A 247 2.42 -3.27 5.41
CA ILE A 247 1.09 -3.25 4.82
C ILE A 247 0.53 -4.66 4.84
N CYS A 248 -0.58 -4.85 5.53
CA CYS A 248 -1.23 -6.16 5.60
C CYS A 248 -2.04 -6.40 4.35
N VAL A 249 -1.87 -7.59 3.77
CA VAL A 249 -2.66 -8.05 2.64
C VAL A 249 -3.38 -9.30 3.13
N ASP A 250 -4.55 -9.10 3.75
CA ASP A 250 -5.12 -10.17 4.57
C ASP A 250 -6.64 -10.20 4.54
N GLY A 251 -7.29 -9.50 3.60
CA GLY A 251 -8.74 -9.56 3.53
C GLY A 251 -9.45 -9.05 4.76
N GLY A 252 -8.77 -8.25 5.59
CA GLY A 252 -9.33 -7.73 6.81
C GLY A 252 -9.07 -8.56 8.06
N ARG A 253 -8.26 -9.62 7.96
CA ARG A 253 -8.07 -10.57 9.07
C ARG A 253 -7.67 -9.87 10.37
N THR A 254 -6.63 -9.04 10.33
CA THR A 254 -6.05 -8.53 11.57
C THR A 254 -6.95 -7.51 12.27
N ILE A 255 -7.81 -6.82 11.51
CA ILE A 255 -8.65 -5.79 12.11
C ILE A 255 -10.06 -6.27 12.40
N ASN A 256 -10.36 -7.54 12.12
CA ASN A 256 -11.68 -8.08 12.31
C ASN A 256 -11.89 -8.43 13.78
N GLY A 257 -12.95 -7.89 14.38
CA GLY A 257 -13.30 -8.29 15.73
C GLY A 257 -13.70 -9.74 15.83
N MET B 1 -7.04 -13.44 -13.64
CA MET B 1 -7.13 -12.22 -14.44
C MET B 1 -5.73 -11.78 -14.91
N SER B 2 -5.65 -11.34 -16.16
CA SER B 2 -4.37 -10.94 -16.74
C SER B 2 -3.80 -9.74 -15.99
N LEU B 3 -2.48 -9.56 -16.14
CA LEU B 3 -1.80 -8.42 -15.52
C LEU B 3 -2.41 -7.11 -15.99
N GLU B 4 -2.64 -6.97 -17.30
CA GLU B 4 -3.17 -5.72 -17.84
C GLU B 4 -4.51 -5.38 -17.21
N LYS B 5 -5.37 -6.38 -17.05
CA LYS B 5 -6.69 -6.13 -16.47
C LYS B 5 -6.61 -5.85 -14.97
N ARG B 6 -5.72 -6.54 -14.26
CA ARG B 6 -5.60 -6.31 -12.82
C ARG B 6 -5.09 -4.91 -12.51
N TRP B 7 -4.41 -4.26 -13.44
CA TRP B 7 -3.84 -2.94 -13.20
C TRP B 7 -4.57 -1.86 -13.99
N SER B 8 -5.86 -2.06 -14.22
CA SER B 8 -6.66 -1.14 -15.04
C SER B 8 -7.87 -0.66 -14.26
N LEU B 9 -8.27 0.58 -14.56
CA LEU B 9 -9.55 1.12 -14.09
C LEU B 9 -10.50 1.40 -15.25
N GLU B 10 -10.25 0.78 -16.42
CA GLU B 10 -11.17 0.89 -17.54
C GLU B 10 -12.55 0.38 -17.15
N GLY B 11 -13.57 1.13 -17.53
CA GLY B 11 -14.93 0.74 -17.23
C GLY B 11 -15.41 1.10 -15.84
N THR B 12 -14.61 1.82 -15.05
CA THR B 12 -15.03 2.18 -13.71
C THR B 12 -15.56 3.60 -13.66
N THR B 13 -16.38 3.85 -12.66
CA THR B 13 -16.90 5.16 -12.33
C THR B 13 -16.46 5.53 -10.92
N ALA B 14 -16.20 6.82 -10.69
CA ALA B 14 -15.58 7.25 -9.44
C ALA B 14 -16.13 8.60 -9.01
N LEU B 15 -16.28 8.78 -7.70
CA LEU B 15 -16.57 10.08 -7.09
C LEU B 15 -15.38 10.47 -6.24
N VAL B 16 -14.79 11.63 -6.53
CA VAL B 16 -13.68 12.17 -5.74
C VAL B 16 -14.11 13.53 -5.22
N THR B 17 -14.22 13.67 -3.91
CA THR B 17 -14.59 14.98 -3.38
C THR B 17 -13.38 15.91 -3.35
N GLY B 18 -13.61 17.18 -3.68
CA GLY B 18 -12.55 18.17 -3.64
C GLY B 18 -11.45 17.96 -4.66
N GLY B 19 -11.81 17.89 -5.94
CA GLY B 19 -10.86 17.58 -6.97
C GLY B 19 -10.27 18.77 -7.70
N THR B 20 -10.45 19.99 -7.17
CA THR B 20 -10.07 21.19 -7.91
C THR B 20 -8.68 21.69 -7.57
N LYS B 21 -8.05 21.16 -6.53
CA LYS B 21 -6.70 21.60 -6.18
C LYS B 21 -6.08 20.54 -5.28
N GLY B 22 -4.78 20.69 -5.05
CA GLY B 22 -4.09 19.84 -4.10
C GLY B 22 -4.11 18.36 -4.46
N ILE B 23 -4.20 17.53 -3.41
CA ILE B 23 -4.16 16.09 -3.61
C ILE B 23 -5.34 15.61 -4.45
N GLY B 24 -6.52 16.21 -4.25
CA GLY B 24 -7.70 15.72 -4.94
C GLY B 24 -7.61 15.89 -6.45
N HIS B 25 -7.03 17.01 -6.89
CA HIS B 25 -6.81 17.21 -8.32
C HIS B 25 -5.90 16.14 -8.89
N ALA B 26 -4.82 15.81 -8.19
CA ALA B 26 -3.93 14.75 -8.65
C ALA B 26 -4.63 13.40 -8.66
N ILE B 27 -5.52 13.15 -7.71
CA ILE B 27 -6.25 11.88 -7.69
C ILE B 27 -7.17 11.77 -8.89
N VAL B 28 -7.87 12.84 -9.24
CA VAL B 28 -8.73 12.82 -10.44
C VAL B 28 -7.91 12.45 -11.66
N GLU B 29 -6.75 13.11 -11.83
CA GLU B 29 -5.95 12.88 -13.02
C GLU B 29 -5.40 11.46 -13.05
N GLU B 30 -5.03 10.92 -11.89
CA GLU B 30 -4.50 9.56 -11.85
C GLU B 30 -5.59 8.54 -12.22
N LEU B 31 -6.79 8.72 -11.68
CA LEU B 31 -7.89 7.81 -12.00
C LEU B 31 -8.23 7.87 -13.48
N VAL B 32 -8.34 9.07 -14.06
CA VAL B 32 -8.62 9.18 -15.49
CA VAL B 32 -8.65 9.14 -15.49
C VAL B 32 -7.50 8.55 -16.30
N GLY B 33 -6.27 8.65 -15.82
CA GLY B 33 -5.15 8.07 -16.53
C GLY B 33 -5.24 6.57 -16.68
N PHE B 34 -6.01 5.91 -15.81
CA PHE B 34 -6.21 4.47 -15.91
C PHE B 34 -7.58 4.10 -16.45
N GLY B 35 -8.30 5.06 -17.00
CA GLY B 35 -9.53 4.80 -17.72
C GLY B 35 -10.80 5.07 -16.95
N ALA B 36 -10.71 5.55 -15.72
CA ALA B 36 -11.90 5.80 -14.93
C ALA B 36 -12.65 7.02 -15.46
N ARG B 37 -13.97 7.00 -15.28
CA ARG B 37 -14.82 8.16 -15.49
C ARG B 37 -15.11 8.75 -14.12
N VAL B 38 -14.83 10.05 -13.95
CA VAL B 38 -14.77 10.65 -12.63
C VAL B 38 -15.81 11.75 -12.48
N TYR B 39 -16.43 11.78 -11.31
CA TYR B 39 -17.29 12.88 -10.87
C TYR B 39 -16.60 13.55 -9.70
N THR B 40 -16.52 14.87 -9.70
CA THR B 40 -15.87 15.56 -8.59
C THR B 40 -16.70 16.78 -8.20
N CYS B 41 -16.26 17.47 -7.16
CA CYS B 41 -17.02 18.62 -6.64
C CYS B 41 -16.08 19.54 -5.87
N SER B 42 -16.54 20.76 -5.67
CA SER B 42 -15.92 21.73 -4.78
C SER B 42 -16.97 22.79 -4.47
N ARG B 43 -16.61 23.73 -3.59
CA ARG B 43 -17.52 24.83 -3.26
C ARG B 43 -17.39 26.02 -4.20
N ASN B 44 -16.32 26.06 -5.00
CA ASN B 44 -15.98 27.23 -5.80
C ASN B 44 -16.38 26.94 -7.25
N GLU B 45 -17.49 27.53 -7.69
CA GLU B 45 -18.01 27.24 -9.02
C GLU B 45 -17.01 27.62 -10.11
N ALA B 46 -16.34 28.77 -9.94
CA ALA B 46 -15.40 29.23 -10.96
C ALA B 46 -14.22 28.28 -11.10
N GLU B 47 -13.65 27.84 -9.97
CA GLU B 47 -12.52 26.91 -10.04
C GLU B 47 -12.94 25.56 -10.60
N LEU B 48 -14.13 25.09 -10.20
CA LEU B 48 -14.62 23.81 -10.71
C LEU B 48 -14.79 23.85 -12.22
N ARG B 49 -15.40 24.93 -12.72
CA ARG B 49 -15.58 25.06 -14.17
C ARG B 49 -14.24 25.07 -14.90
N LYS B 50 -13.28 25.84 -14.39
CA LYS B 50 -11.97 25.90 -15.04
C LYS B 50 -11.32 24.51 -15.10
N CYS B 51 -11.39 23.75 -13.99
CA CYS B 51 -10.84 22.40 -14.01
C CYS B 51 -11.57 21.51 -14.99
N LEU B 52 -12.91 21.56 -15.00
CA LEU B 52 -13.67 20.71 -15.91
C LEU B 52 -13.40 21.05 -17.36
N GLN B 53 -13.27 22.34 -17.69
CA GLN B 53 -12.91 22.73 -19.05
C GLN B 53 -11.53 22.22 -19.43
N GLU B 54 -10.56 22.31 -18.51
CA GLU B 54 -9.22 21.85 -18.83
C GLU B 54 -9.19 20.34 -19.07
N TRP B 55 -9.94 19.58 -18.27
CA TRP B 55 -9.97 18.13 -18.48
C TRP B 55 -10.70 17.77 -19.77
N GLU B 56 -11.77 18.50 -20.10
CA GLU B 56 -12.43 18.27 -21.39
C GLU B 56 -11.48 18.50 -22.55
N ASN B 57 -10.67 19.56 -22.49
CA ASN B 57 -9.70 19.79 -23.56
C ASN B 57 -8.70 18.66 -23.67
N LEU B 58 -8.35 18.05 -22.54
CA LEU B 58 -7.43 16.91 -22.51
C LEU B 58 -8.12 15.61 -22.89
N LYS B 59 -9.42 15.64 -23.15
CA LYS B 59 -10.22 14.48 -23.53
C LYS B 59 -10.38 13.50 -22.37
N TYR B 60 -10.31 14.00 -21.15
CA TYR B 60 -10.65 13.22 -19.97
C TYR B 60 -12.16 13.27 -19.75
N ASP B 61 -12.71 12.19 -19.17
CA ASP B 61 -14.15 12.15 -18.88
C ASP B 61 -14.32 12.49 -17.40
N VAL B 62 -14.46 13.78 -17.11
CA VAL B 62 -14.72 14.24 -15.75
C VAL B 62 -15.95 15.13 -15.76
N THR B 63 -16.86 14.89 -14.80
CA THR B 63 -18.11 15.62 -14.58
C THR B 63 -18.03 16.21 -13.18
N GLY B 64 -18.86 17.21 -12.90
CA GLY B 64 -18.81 17.72 -11.54
C GLY B 64 -19.96 18.67 -11.25
N SER B 65 -20.12 18.97 -9.96
CA SER B 65 -21.10 19.96 -9.56
C SER B 65 -20.60 20.65 -8.30
N VAL B 66 -21.17 21.81 -8.02
CA VAL B 66 -20.83 22.57 -6.81
C VAL B 66 -21.52 21.93 -5.63
N CYS B 67 -20.76 21.68 -4.56
CA CYS B 67 -21.31 21.00 -3.40
C CYS B 67 -20.43 21.31 -2.20
N ASP B 68 -21.06 21.70 -1.11
CA ASP B 68 -20.40 21.82 0.19
C ASP B 68 -20.69 20.54 0.95
N VAL B 69 -19.69 19.66 1.04
CA VAL B 69 -19.91 18.34 1.63
C VAL B 69 -20.05 18.42 3.14
N SER B 70 -19.89 19.61 3.73
CA SER B 70 -20.18 19.76 5.15
C SER B 70 -21.68 19.94 5.42
N SER B 71 -22.50 19.98 4.37
CA SER B 71 -23.95 20.15 4.50
C SER B 71 -24.65 18.83 4.20
N ARG B 72 -25.47 18.38 5.14
CA ARG B 72 -26.20 17.12 4.95
C ARG B 72 -27.06 17.16 3.69
N THR B 73 -27.83 18.25 3.49
CA THR B 73 -28.71 18.29 2.33
C THR B 73 -27.90 18.35 1.03
N GLU B 74 -26.75 19.03 1.03
CA GLU B 74 -25.94 19.06 -0.19
C GLU B 74 -25.31 17.71 -0.46
N ARG B 75 -24.93 16.95 0.57
CA ARG B 75 -24.43 15.60 0.34
C ARG B 75 -25.50 14.72 -0.27
N GLU B 76 -26.75 14.85 0.20
CA GLU B 76 -27.84 14.06 -0.36
C GLU B 76 -28.05 14.40 -1.83
N LYS B 77 -27.96 15.69 -2.17
CA LYS B 77 -28.14 16.11 -3.56
C LYS B 77 -26.99 15.61 -4.42
N LEU B 78 -25.76 15.66 -3.89
CA LEU B 78 -24.61 15.15 -4.62
C LEU B 78 -24.76 13.66 -4.90
N ALA B 79 -25.11 12.87 -3.89
CA ALA B 79 -25.22 11.43 -4.10
C ALA B 79 -26.32 11.11 -5.11
N GLU B 80 -27.43 11.86 -5.08
CA GLU B 80 -28.49 11.58 -6.04
C GLU B 80 -28.02 11.91 -7.46
N GLU B 81 -27.27 13.00 -7.63
CA GLU B 81 -26.80 13.37 -8.96
C GLU B 81 -25.76 12.38 -9.48
N VAL B 82 -24.86 11.94 -8.59
CA VAL B 82 -23.86 10.95 -8.99
C VAL B 82 -24.51 9.65 -9.40
N SER B 83 -25.49 9.19 -8.60
CA SER B 83 -26.22 7.98 -8.96
C SER B 83 -26.94 8.15 -10.29
N SER B 84 -27.49 9.35 -10.55
CA SER B 84 -28.18 9.58 -11.82
C SER B 84 -27.17 9.51 -12.98
N VAL B 85 -26.02 10.17 -12.81
CA VAL B 85 -25.03 10.26 -13.89
C VAL B 85 -24.47 8.87 -14.21
N PHE B 86 -24.25 8.04 -13.19
CA PHE B 86 -23.61 6.75 -13.35
C PHE B 86 -24.62 5.60 -13.32
N ASN B 87 -25.92 5.90 -13.49
CA ASN B 87 -26.95 4.87 -13.55
C ASN B 87 -26.88 3.91 -12.35
N GLY B 88 -26.70 4.49 -11.16
CA GLY B 88 -26.76 3.69 -9.94
C GLY B 88 -25.61 2.73 -9.71
N LYS B 89 -24.47 2.94 -10.37
CA LYS B 89 -23.34 2.02 -10.24
C LYS B 89 -22.07 2.84 -10.09
N LEU B 90 -21.42 2.72 -8.93
CA LEU B 90 -20.23 3.48 -8.58
C LEU B 90 -19.14 2.51 -8.13
N ASN B 91 -18.00 2.51 -8.82
CA ASN B 91 -16.91 1.64 -8.42
C ASN B 91 -16.07 2.21 -7.29
N ILE B 92 -15.93 3.53 -7.24
CA ILE B 92 -14.88 4.16 -6.44
C ILE B 92 -15.46 5.37 -5.73
N LEU B 93 -15.19 5.49 -4.43
CA LEU B 93 -15.50 6.68 -3.64
C LEU B 93 -14.21 7.10 -2.95
N ILE B 94 -13.73 8.30 -3.24
CA ILE B 94 -12.54 8.82 -2.58
CA ILE B 94 -12.54 8.82 -2.58
C ILE B 94 -12.94 10.06 -1.80
N ASN B 95 -12.85 9.96 -0.47
CA ASN B 95 -13.17 11.06 0.45
C ASN B 95 -11.91 11.87 0.67
N ASN B 96 -11.68 12.83 -0.21
CA ASN B 96 -10.47 13.65 -0.17
C ASN B 96 -10.70 15.02 0.47
N ALA B 97 -11.83 15.68 0.19
CA ALA B 97 -12.04 17.02 0.71
C ALA B 97 -11.95 17.01 2.23
N GLY B 98 -11.19 17.95 2.76
CA GLY B 98 -11.02 18.04 4.20
C GLY B 98 -10.98 19.45 4.71
N GLY B 99 -10.68 19.61 5.99
CA GLY B 99 -10.46 20.92 6.56
C GLY B 99 -9.30 20.85 7.53
N TYR B 100 -8.72 22.02 7.80
CA TYR B 100 -7.49 22.08 8.58
C TYR B 100 -7.45 23.37 9.37
N VAL B 101 -7.19 23.23 10.67
CA VAL B 101 -7.00 24.35 11.58
C VAL B 101 -5.76 24.01 12.40
N ASN B 102 -4.87 24.98 12.57
CA ASN B 102 -3.64 24.76 13.33
C ASN B 102 -3.64 25.77 14.46
N LYS B 103 -3.84 25.29 15.70
CA LYS B 103 -3.89 26.10 16.90
C LYS B 103 -3.39 25.28 18.06
N PRO B 104 -2.89 25.91 19.11
CA PRO B 104 -2.67 25.16 20.36
C PRO B 104 -4.00 24.66 20.89
N ILE B 105 -3.94 23.58 21.67
CA ILE B 105 -5.16 23.02 22.26
C ILE B 105 -5.95 24.11 22.97
N ASP B 106 -5.27 24.99 23.70
CA ASP B 106 -5.95 26.05 24.45
C ASP B 106 -6.72 27.00 23.55
N GLY B 107 -6.39 27.07 22.26
CA GLY B 107 -6.94 28.10 21.39
C GLY B 107 -8.16 27.72 20.58
N PHE B 108 -8.48 26.43 20.50
CA PHE B 108 -9.56 26.00 19.63
C PHE B 108 -10.91 26.47 20.15
N THR B 109 -11.73 26.94 19.23
CA THR B 109 -13.10 27.38 19.52
C THR B 109 -14.08 26.25 19.25
N ALA B 110 -15.31 26.45 19.74
CA ALA B 110 -16.38 25.51 19.40
C ALA B 110 -16.55 25.41 17.90
N GLU B 111 -16.42 26.54 17.18
CA GLU B 111 -16.61 26.53 15.73
C GLU B 111 -15.49 25.77 15.03
N ASP B 112 -14.24 25.89 15.53
CA ASP B 112 -13.16 25.12 14.94
C ASP B 112 -13.44 23.64 15.04
N PHE B 113 -13.88 23.20 16.22
CA PHE B 113 -14.18 21.80 16.45
C PHE B 113 -15.28 21.33 15.50
N SER B 114 -16.39 22.07 15.44
CA SER B 114 -17.50 21.66 14.59
CA SER B 114 -17.50 21.65 14.59
C SER B 114 -17.09 21.65 13.12
N PHE B 115 -16.32 22.65 12.70
CA PHE B 115 -15.85 22.72 11.31
C PHE B 115 -15.06 21.48 10.95
N LEU B 116 -14.12 21.09 11.82
CA LEU B 116 -13.24 19.98 11.49
C LEU B 116 -13.97 18.65 11.52
N VAL B 117 -14.86 18.45 12.50
CA VAL B 117 -15.60 17.19 12.56
C VAL B 117 -16.52 17.06 11.34
N ALA B 118 -17.17 18.15 10.95
CA ALA B 118 -18.15 18.05 9.88
C ALA B 118 -17.51 17.65 8.55
N VAL B 119 -16.39 18.27 8.19
CA VAL B 119 -15.83 17.99 6.88
C VAL B 119 -14.88 16.78 6.89
N ASN B 120 -14.14 16.56 7.98
CA ASN B 120 -13.20 15.44 7.98
C ASN B 120 -13.83 14.11 8.36
N LEU B 121 -14.90 14.11 9.15
CA LEU B 121 -15.46 12.85 9.66
C LEU B 121 -16.90 12.66 9.22
N GLU B 122 -17.80 13.60 9.55
CA GLU B 122 -19.21 13.37 9.23
C GLU B 122 -19.44 13.26 7.73
N SER B 123 -18.78 14.10 6.94
CA SER B 123 -19.00 14.07 5.50
CA SER B 123 -18.99 14.07 5.49
CA SER B 123 -18.98 14.07 5.49
C SER B 123 -18.64 12.70 4.92
N ALA B 124 -17.48 12.16 5.32
CA ALA B 124 -17.06 10.86 4.82
C ALA B 124 -18.02 9.76 5.26
N PHE B 125 -18.44 9.79 6.52
CA PHE B 125 -19.37 8.78 7.02
C PHE B 125 -20.68 8.81 6.26
N HIS B 126 -21.29 9.99 6.15
CA HIS B 126 -22.57 10.09 5.49
C HIS B 126 -22.46 9.79 3.99
N LEU B 127 -21.39 10.25 3.34
CA LEU B 127 -21.23 9.91 1.93
C LEU B 127 -21.08 8.41 1.73
N CYS B 128 -20.41 7.71 2.65
CA CYS B 128 -20.32 6.26 2.54
C CYS B 128 -21.71 5.63 2.63
N GLN B 129 -22.52 6.08 3.58
CA GLN B 129 -23.89 5.60 3.70
C GLN B 129 -24.66 5.83 2.41
N LEU B 130 -24.59 7.07 1.90
CA LEU B 130 -25.35 7.41 0.70
C LEU B 130 -24.88 6.63 -0.51
N ALA B 131 -23.59 6.32 -0.59
CA ALA B 131 -23.02 5.65 -1.75
C ALA B 131 -23.10 4.14 -1.65
N HIS B 132 -23.50 3.60 -0.51
CA HIS B 132 -23.46 2.14 -0.34
C HIS B 132 -24.25 1.42 -1.42
N PRO B 133 -25.48 1.81 -1.76
CA PRO B 133 -26.18 1.07 -2.84
C PRO B 133 -25.43 1.06 -4.17
N MET B 134 -24.91 2.21 -4.62
CA MET B 134 -24.18 2.29 -5.87
C MET B 134 -22.89 1.48 -5.81
N LEU B 135 -22.19 1.54 -4.68
CA LEU B 135 -20.95 0.79 -4.53
C LEU B 135 -21.23 -0.71 -4.55
N LYS B 136 -22.30 -1.14 -3.88
CA LYS B 136 -22.69 -2.53 -3.90
C LYS B 136 -23.03 -3.00 -5.32
N ALA B 137 -23.73 -2.15 -6.07
CA ALA B 137 -24.14 -2.51 -7.42
C ALA B 137 -22.96 -2.72 -8.35
N SER B 138 -21.83 -2.06 -8.09
CA SER B 138 -20.66 -2.22 -8.96
C SER B 138 -20.05 -3.60 -8.83
N GLY B 139 -20.22 -4.27 -7.68
CA GLY B 139 -19.63 -5.56 -7.45
C GLY B 139 -18.16 -5.57 -7.05
N THR B 140 -17.44 -4.46 -7.22
CA THR B 140 -16.01 -4.38 -6.88
C THR B 140 -15.70 -3.02 -6.25
N GLY B 141 -16.54 -2.58 -5.33
CA GLY B 141 -16.42 -1.23 -4.80
C GLY B 141 -15.13 -1.00 -4.03
N SER B 142 -14.65 0.24 -4.09
CA SER B 142 -13.45 0.65 -3.37
C SER B 142 -13.66 2.02 -2.79
N ILE B 143 -13.56 2.13 -1.46
CA ILE B 143 -13.61 3.40 -0.75
C ILE B 143 -12.19 3.71 -0.28
N VAL B 144 -11.70 4.90 -0.58
CA VAL B 144 -10.42 5.37 -0.06
C VAL B 144 -10.67 6.65 0.71
N HIS B 145 -10.34 6.66 1.98
CA HIS B 145 -10.31 7.89 2.77
C HIS B 145 -8.93 8.47 2.73
N ILE B 146 -8.83 9.79 2.63
CA ILE B 146 -7.54 10.44 2.79
C ILE B 146 -7.47 10.94 4.23
N SER B 147 -6.61 10.30 5.01
CA SER B 147 -6.42 10.59 6.43
C SER B 147 -5.22 11.51 6.61
N SER B 148 -4.37 11.24 7.58
CA SER B 148 -3.12 11.99 7.76
C SER B 148 -2.19 11.15 8.59
N CYS B 149 -0.88 11.22 8.30
CA CYS B 149 0.08 10.48 9.12
C CYS B 149 0.08 11.01 10.56
N CYS B 150 -0.41 12.24 10.78
CA CYS B 150 -0.39 12.79 12.13
C CYS B 150 -1.51 12.25 13.01
N ALA B 151 -2.32 11.34 12.50
CA ALA B 151 -3.21 10.57 13.36
C ALA B 151 -2.49 9.48 14.15
N GLN B 152 -1.16 9.42 14.08
CA GLN B 152 -0.37 8.46 14.84
C GLN B 152 0.67 9.11 15.74
N ILE B 153 0.90 10.41 15.60
CA ILE B 153 1.93 11.14 16.33
C ILE B 153 1.34 12.51 16.66
N ALA B 154 2.04 13.23 17.53
CA ALA B 154 1.59 14.55 17.95
C ALA B 154 2.41 15.63 17.24
N ILE B 155 1.77 16.38 16.37
CA ILE B 155 2.38 17.51 15.70
CA ILE B 155 2.36 17.52 15.68
C ILE B 155 1.80 18.79 16.31
N PRO B 156 2.64 19.76 16.68
CA PRO B 156 2.13 20.99 17.29
C PRO B 156 1.02 21.61 16.47
N GLY B 157 -0.07 21.97 17.14
CA GLY B 157 -1.19 22.63 16.49
C GLY B 157 -2.24 21.71 15.88
N HIS B 158 -1.97 20.40 15.79
CA HIS B 158 -2.80 19.49 15.01
C HIS B 158 -3.86 18.76 15.83
N SER B 159 -4.12 19.13 17.08
CA SER B 159 -4.90 18.25 17.96
C SER B 159 -6.26 17.85 17.37
N ILE B 160 -7.14 18.81 17.05
CA ILE B 160 -8.46 18.42 16.57
CA ILE B 160 -8.46 18.41 16.57
C ILE B 160 -8.36 17.80 15.18
N TYR B 161 -7.54 18.39 14.30
CA TYR B 161 -7.34 17.83 12.97
C TYR B 161 -6.96 16.36 13.03
N SER B 162 -5.88 16.05 13.74
CA SER B 162 -5.40 14.69 13.87
C SER B 162 -6.43 13.79 14.50
N SER B 163 -7.19 14.32 15.47
CA SER B 163 -8.21 13.49 16.12
C SER B 163 -9.30 13.09 15.14
N THR B 164 -9.74 14.01 14.28
CA THR B 164 -10.73 13.61 13.27
C THR B 164 -10.14 12.60 12.30
N LYS B 165 -8.84 12.70 11.99
CA LYS B 165 -8.24 11.69 11.11
C LYS B 165 -8.07 10.35 11.81
N GLY B 166 -7.82 10.35 13.12
CA GLY B 166 -7.83 9.10 13.85
C GLY B 166 -9.19 8.43 13.84
N ALA B 167 -10.25 9.23 13.86
CA ALA B 167 -11.60 8.68 13.75
C ALA B 167 -11.82 8.05 12.38
N ILE B 168 -11.33 8.71 11.32
CA ILE B 168 -11.40 8.17 9.97
C ILE B 168 -10.67 6.83 9.88
N ASN B 169 -9.48 6.75 10.49
CA ASN B 169 -8.72 5.50 10.46
C ASN B 169 -9.51 4.35 11.06
N GLN B 170 -10.20 4.59 12.18
CA GLN B 170 -11.01 3.53 12.76
C GLN B 170 -12.23 3.22 11.91
N LEU B 171 -12.92 4.27 11.41
CA LEU B 171 -14.08 4.06 10.54
C LEU B 171 -13.71 3.17 9.37
N THR B 172 -12.51 3.33 8.84
CA THR B 172 -11.99 2.48 7.76
C THR B 172 -12.10 1.01 8.12
N ARG B 173 -11.72 0.65 9.34
CA ARG B 173 -11.80 -0.74 9.77
C ARG B 173 -13.23 -1.23 9.85
N ASN B 174 -14.13 -0.41 10.40
CA ASN B 174 -15.54 -0.84 10.50
C ASN B 174 -16.15 -1.03 9.12
N LEU B 175 -15.91 -0.08 8.20
CA LEU B 175 -16.44 -0.21 6.84
C LEU B 175 -15.89 -1.46 6.17
N ALA B 176 -14.58 -1.71 6.32
CA ALA B 176 -13.96 -2.87 5.69
C ALA B 176 -14.61 -4.16 6.14
N CYS B 177 -14.95 -4.29 7.42
CA CYS B 177 -15.52 -5.54 7.89
C CYS B 177 -17.02 -5.63 7.63
N GLU B 178 -17.76 -4.53 7.82
CA GLU B 178 -19.21 -4.62 7.66
C GLU B 178 -19.61 -4.82 6.22
N TRP B 179 -18.85 -4.27 5.26
CA TRP B 179 -19.29 -4.30 3.87
C TRP B 179 -18.45 -5.25 3.02
N ALA B 180 -17.59 -6.06 3.64
CA ALA B 180 -16.88 -7.11 2.88
C ALA B 180 -17.84 -8.01 2.14
N LYS B 181 -19.03 -8.26 2.71
CA LYS B 181 -20.02 -9.14 2.10
C LYS B 181 -20.52 -8.61 0.76
N ASP B 182 -20.35 -7.32 0.48
CA ASP B 182 -20.69 -6.75 -0.80
C ASP B 182 -19.47 -6.57 -1.69
N ASN B 183 -18.33 -7.15 -1.30
CA ASN B 183 -17.06 -6.99 -2.02
C ASN B 183 -16.71 -5.51 -2.16
N ILE B 184 -17.03 -4.72 -1.13
CA ILE B 184 -16.56 -3.36 -1.04
C ILE B 184 -15.37 -3.35 -0.10
N ARG B 185 -14.25 -2.82 -0.57
CA ARG B 185 -13.06 -2.64 0.24
C ARG B 185 -12.94 -1.18 0.64
N THR B 186 -12.43 -0.95 1.84
CA THR B 186 -12.21 0.39 2.35
C THR B 186 -10.81 0.47 2.94
N ASN B 187 -10.05 1.49 2.53
CA ASN B 187 -8.71 1.70 3.04
C ASN B 187 -8.49 3.19 3.24
N SER B 188 -7.51 3.54 4.06
CA SER B 188 -7.13 4.91 4.34
CA SER B 188 -7.14 4.92 4.28
C SER B 188 -5.70 5.15 3.86
N ILE B 189 -5.47 6.28 3.20
CA ILE B 189 -4.12 6.75 2.89
C ILE B 189 -3.84 7.90 3.84
N ALA B 190 -2.73 7.83 4.57
CA ALA B 190 -2.38 8.82 5.58
C ALA B 190 -1.14 9.57 5.12
N PRO B 191 -1.29 10.67 4.39
CA PRO B 191 -0.11 11.40 3.90
C PRO B 191 0.59 12.14 5.03
N GLY B 192 1.90 12.28 4.87
CA GLY B 192 2.64 13.34 5.54
C GLY B 192 2.42 14.66 4.83
N ALA B 193 3.27 15.64 5.14
CA ALA B 193 3.14 16.94 4.50
C ALA B 193 3.33 16.81 2.99
N ILE B 194 2.37 17.33 2.23
CA ILE B 194 2.37 17.28 0.77
C ILE B 194 2.35 18.70 0.24
N ARG B 195 3.19 18.98 -0.77
CA ARG B 195 3.22 20.28 -1.43
CA ARG B 195 3.22 20.28 -1.43
C ARG B 195 1.86 20.59 -2.06
N THR B 196 1.12 21.53 -1.48
CA THR B 196 -0.27 21.81 -1.88
C THR B 196 -0.54 23.30 -1.82
N PRO B 197 0.02 24.07 -2.75
CA PRO B 197 -0.29 25.51 -2.78
C PRO B 197 -1.78 25.75 -2.92
N GLY B 198 -2.28 26.68 -2.13
CA GLY B 198 -3.67 27.04 -2.22
C GLY B 198 -4.59 26.29 -1.29
N THR B 199 -4.07 25.34 -0.49
CA THR B 199 -4.83 24.76 0.61
C THR B 199 -4.11 25.07 1.91
N GLU B 200 -4.88 25.39 2.94
CA GLU B 200 -4.36 25.45 4.30
C GLU B 200 -4.06 24.03 4.77
N SER B 201 -2.79 23.77 5.14
CA SER B 201 -2.37 22.40 5.36
C SER B 201 -1.14 22.37 6.25
N PHE B 202 -0.68 21.14 6.52
CA PHE B 202 0.54 20.78 7.24
C PHE B 202 1.62 21.87 7.21
N VAL B 203 2.08 22.25 6.02
CA VAL B 203 3.08 23.29 5.90
C VAL B 203 2.42 24.66 6.02
N ILE B 204 2.27 25.14 7.26
CA ILE B 204 1.57 26.40 7.50
C ILE B 204 2.49 27.60 7.28
N ASP B 205 3.79 27.42 7.47
CA ASP B 205 4.77 28.50 7.35
C ASP B 205 6.15 27.86 7.24
N LYS B 206 7.18 28.71 7.23
CA LYS B 206 8.55 28.22 7.08
C LYS B 206 8.99 27.36 8.27
N ASP B 207 8.50 27.66 9.48
CA ASP B 207 8.90 26.84 10.62
C ASP B 207 8.37 25.42 10.48
N ALA B 208 7.11 25.28 10.02
CA ALA B 208 6.56 23.94 9.80
C ALA B 208 7.30 23.23 8.68
N LEU B 209 7.63 23.95 7.61
CA LEU B 209 8.37 23.33 6.50
C LEU B 209 9.72 22.81 6.99
N ASP B 210 10.45 23.64 7.74
CA ASP B 210 11.75 23.22 8.22
C ASP B 210 11.63 22.02 9.16
N ARG B 211 10.60 22.02 10.01
CA ARG B 211 10.40 20.91 10.93
C ARG B 211 10.16 19.62 10.17
N GLU B 212 9.24 19.63 9.21
CA GLU B 212 8.95 18.41 8.47
C GLU B 212 10.17 17.96 7.68
N VAL B 213 10.88 18.89 7.05
CA VAL B 213 12.09 18.53 6.31
C VAL B 213 13.11 17.86 7.23
N SER B 214 13.19 18.32 8.48
CA SER B 214 14.15 17.74 9.41
CA SER B 214 14.15 17.74 9.41
C SER B 214 13.72 16.37 9.90
N ARG B 215 12.41 16.11 9.96
CA ARG B 215 11.92 14.85 10.51
C ARG B 215 11.70 13.76 9.47
N VAL B 216 11.61 14.11 8.18
CA VAL B 216 11.43 13.14 7.12
C VAL B 216 12.80 12.60 6.73
N PRO B 217 13.03 11.28 6.78
CA PRO B 217 14.36 10.76 6.39
C PRO B 217 14.82 11.23 5.02
N PHE B 218 13.92 11.33 4.06
CA PHE B 218 14.22 11.81 2.71
C PHE B 218 14.42 13.32 2.65
N GLY B 219 14.24 14.05 3.75
CA GLY B 219 14.54 15.46 3.78
C GLY B 219 13.70 16.32 2.87
N ARG B 220 12.47 15.92 2.58
CA ARG B 220 11.59 16.70 1.72
C ARG B 220 10.14 16.37 2.04
N ILE B 221 9.26 17.29 1.65
CA ILE B 221 7.83 17.03 1.70
C ILE B 221 7.42 16.25 0.46
N GLY B 222 6.21 15.68 0.49
CA GLY B 222 5.76 14.86 -0.62
C GLY B 222 5.11 15.69 -1.71
N GLU B 223 4.81 15.01 -2.83
CA GLU B 223 4.13 15.58 -3.99
C GLU B 223 2.73 14.98 -4.12
N PRO B 224 1.78 15.71 -4.71
CA PRO B 224 0.41 15.17 -4.78
C PRO B 224 0.32 13.83 -5.48
N GLU B 225 1.10 13.61 -6.54
CA GLU B 225 1.02 12.34 -7.24
C GLU B 225 1.55 11.17 -6.41
N GLU B 226 2.33 11.45 -5.36
CA GLU B 226 2.80 10.37 -4.50
C GLU B 226 1.68 9.84 -3.60
N VAL B 227 0.63 10.62 -3.37
CA VAL B 227 -0.58 10.10 -2.73
C VAL B 227 -1.53 9.52 -3.77
N ALA B 228 -1.69 10.20 -4.89
CA ALA B 228 -2.67 9.80 -5.91
C ALA B 228 -2.37 8.42 -6.48
N SER B 229 -1.09 8.08 -6.67
CA SER B 229 -0.72 6.77 -7.20
CA SER B 229 -0.76 6.77 -7.23
C SER B 229 -1.31 5.66 -6.35
N LEU B 230 -1.10 5.74 -5.04
CA LEU B 230 -1.60 4.70 -4.15
C LEU B 230 -3.13 4.68 -4.15
N ALA B 231 -3.77 5.85 -4.27
CA ALA B 231 -5.23 5.87 -4.33
C ALA B 231 -5.73 5.07 -5.54
N ALA B 232 -5.10 5.25 -6.69
CA ALA B 232 -5.46 4.49 -7.87
C ALA B 232 -5.21 3.00 -7.66
N PHE B 233 -4.03 2.65 -7.14
CA PHE B 233 -3.70 1.24 -6.94
C PHE B 233 -4.74 0.55 -6.05
N LEU B 234 -5.14 1.21 -4.96
CA LEU B 234 -6.08 0.59 -4.03
C LEU B 234 -7.43 0.33 -4.65
N CYS B 235 -7.74 1.00 -5.76
CA CYS B 235 -9.00 0.80 -6.47
C CYS B 235 -8.92 -0.27 -7.56
N MET B 236 -7.72 -0.71 -7.91
CA MET B 236 -7.55 -1.67 -8.99
C MET B 236 -7.86 -3.09 -8.53
N PRO B 237 -8.18 -3.99 -9.46
CA PRO B 237 -8.34 -5.41 -9.07
C PRO B 237 -7.10 -5.99 -8.41
N SER B 238 -5.92 -5.43 -8.71
CA SER B 238 -4.68 -5.85 -8.07
CA SER B 238 -4.68 -5.88 -8.08
C SER B 238 -4.74 -5.78 -6.56
N ALA B 239 -5.56 -4.88 -6.02
CA ALA B 239 -5.67 -4.67 -4.58
C ALA B 239 -6.80 -5.48 -3.95
N SER B 240 -7.25 -6.55 -4.61
CA SER B 240 -8.48 -7.24 -4.21
C SER B 240 -8.44 -7.88 -2.83
N TYR B 241 -7.26 -8.11 -2.24
CA TYR B 241 -7.21 -8.67 -0.89
C TYR B 241 -6.78 -7.65 0.15
N ILE B 242 -6.75 -6.37 -0.21
CA ILE B 242 -6.30 -5.29 0.68
C ILE B 242 -7.53 -4.53 1.16
N THR B 243 -7.85 -4.67 2.44
CA THR B 243 -8.97 -3.91 2.99
C THR B 243 -8.74 -3.67 4.47
N GLY B 244 -9.24 -2.53 4.96
CA GLY B 244 -9.13 -2.14 6.35
C GLY B 244 -7.80 -1.55 6.77
N GLN B 245 -6.94 -1.20 5.82
CA GLN B 245 -5.57 -0.77 6.09
C GLN B 245 -5.48 0.75 6.13
N VAL B 246 -4.55 1.24 6.95
CA VAL B 246 -4.17 2.65 6.98
C VAL B 246 -2.72 2.69 6.53
N ILE B 247 -2.47 3.24 5.36
CA ILE B 247 -1.13 3.21 4.76
C ILE B 247 -0.56 4.62 4.77
N CYS B 248 0.54 4.80 5.49
CA CYS B 248 1.20 6.09 5.55
CA CYS B 248 1.23 6.06 5.59
C CYS B 248 2.03 6.35 4.31
N VAL B 249 1.84 7.54 3.74
CA VAL B 249 2.64 7.99 2.61
C VAL B 249 3.36 9.25 3.08
N ASP B 250 4.49 9.05 3.77
CA ASP B 250 5.07 10.15 4.53
C ASP B 250 6.60 10.14 4.49
N GLY B 251 7.22 9.42 3.56
CA GLY B 251 8.66 9.37 3.52
C GLY B 251 9.34 8.85 4.77
N GLY B 252 8.60 8.14 5.62
CA GLY B 252 9.15 7.63 6.87
C GLY B 252 8.97 8.54 8.07
N ARG B 253 8.20 9.61 7.93
CA ARG B 253 8.04 10.62 8.97
C ARG B 253 7.67 10.01 10.33
N THR B 254 6.62 9.19 10.35
CA THR B 254 6.07 8.76 11.63
C THR B 254 6.95 7.75 12.33
N ILE B 255 7.79 7.03 11.60
CA ILE B 255 8.59 5.98 12.22
C ILE B 255 10.04 6.41 12.43
N ASN B 256 10.42 7.60 11.97
CA ASN B 256 11.77 8.08 12.14
C ASN B 256 11.99 8.49 13.59
N GLY B 257 13.06 7.99 14.20
CA GLY B 257 13.42 8.42 15.53
C GLY B 257 13.74 9.91 15.52
#